data_7ZQG
#
_entry.id   7ZQG
#
_cell.length_a   70.092
_cell.length_b   70.092
_cell.length_c   85.055
_cell.angle_alpha   90.000
_cell.angle_beta   90.000
_cell.angle_gamma   90.000
#
_symmetry.space_group_name_H-M   'P 43 21 2'
#
loop_
_entity.id
_entity.type
_entity.pdbx_description
1 polymer Pizza6-KSH-TSH
2 non-polymer 'Keggin (STA)'
3 water water
#
_entity_poly.entity_id   1
_entity_poly.type   'polypeptide(L)'
_entity_poly.pdbx_seq_one_letter_code
;GSHMSNTQTVLPFTGLNKPSGVAVDSAGTVYVTDHGNNRVVKLAAGSNTQTVLPFTGLNTPSGVAVDSAGTVWVTDHGNN
RVVKLAAGSNTQTVLPFTGLNKPSGVAVDSAGTVYVTDHGNNRVVKLAAGSNTQTVLPFTGLNTPSGVAVDSAGTVWVTD
HGNNRVVKLAAGSNTQTVLPFTGLNKPSGVAVDSAGTVYVTDHGNNRVVKLAAGSNTQTVLPFTGLNTPSGVAVDSAGTV
WVTDHGNNRVVKLAAG
;
_entity_poly.pdbx_strand_id   A
#
loop_
_chem_comp.id
_chem_comp.type
_chem_comp.name
_chem_comp.formula
SIW non-polymer 'Keggin (STA)' 'O40 Si W12'
#
# COMPACT_ATOMS: atom_id res chain seq x y z
N SER A 5 -16.88 3.89 13.30
CA SER A 5 -18.14 4.22 12.63
C SER A 5 -18.62 3.02 11.84
N ASN A 6 -19.91 3.05 11.48
CA ASN A 6 -20.54 2.00 10.70
C ASN A 6 -21.09 2.57 9.39
N THR A 7 -20.93 3.87 9.15
CA THR A 7 -21.36 4.50 7.91
C THR A 7 -20.18 5.05 7.13
N GLN A 8 -19.97 4.52 5.93
CA GLN A 8 -18.83 4.98 5.18
C GLN A 8 -19.14 6.33 4.51
N THR A 9 -18.08 7.00 4.06
CA THR A 9 -18.29 8.13 3.16
C THR A 9 -17.39 7.91 1.94
N VAL A 10 -17.90 8.36 0.80
CA VAL A 10 -17.21 8.28 -0.49
C VAL A 10 -16.46 9.58 -0.68
N LEU A 11 -15.20 9.50 -0.97
CA LEU A 11 -14.36 10.66 -1.17
C LEU A 11 -14.66 11.28 -2.53
N PRO A 12 -14.58 12.58 -2.66
CA PRO A 12 -15.07 13.24 -3.87
C PRO A 12 -14.03 13.30 -4.98
N PHE A 13 -13.37 12.17 -5.24
CA PHE A 13 -12.51 12.04 -6.41
C PHE A 13 -13.40 11.93 -7.64
N THR A 14 -12.89 12.36 -8.79
CA THR A 14 -13.66 12.33 -10.02
C THR A 14 -12.89 11.62 -11.13
N GLY A 15 -13.61 10.82 -11.90
CA GLY A 15 -13.00 10.18 -13.04
C GLY A 15 -11.99 9.12 -12.74
N LEU A 16 -12.08 8.45 -11.58
CA LEU A 16 -11.18 7.32 -11.32
C LEU A 16 -11.49 6.12 -12.21
N ASN A 17 -10.46 5.33 -12.46
CA ASN A 17 -10.69 4.15 -13.30
C ASN A 17 -9.84 3.03 -12.71
N LYS A 18 -10.48 2.11 -12.01
CA LYS A 18 -9.77 1.05 -11.32
C LYS A 18 -8.66 1.52 -10.37
N PRO A 19 -8.98 2.37 -9.40
CA PRO A 19 -7.94 2.84 -8.46
C PRO A 19 -7.31 1.64 -7.77
N SER A 20 -5.97 1.70 -7.56
CA SER A 20 -5.19 0.56 -7.10
C SER A 20 -4.51 0.71 -5.77
N GLY A 21 -4.38 1.88 -5.23
CA GLY A 21 -3.61 2.02 -3.99
C GLY A 21 -3.90 3.39 -3.43
N VAL A 22 -3.64 3.55 -2.12
CA VAL A 22 -4.04 4.74 -1.43
C VAL A 22 -3.03 5.00 -0.33
N ALA A 23 -2.69 6.27 -0.13
CA ALA A 23 -1.80 6.68 0.96
C ALA A 23 -2.36 7.94 1.60
N VAL A 24 -2.06 8.13 2.89
CA VAL A 24 -2.54 9.30 3.63
C VAL A 24 -1.38 9.88 4.42
N ASP A 25 -1.25 11.19 4.39
CA ASP A 25 -0.11 11.80 5.06
C ASP A 25 -0.60 12.43 6.37
N SER A 26 0.36 13.01 7.11
CA SER A 26 0.04 13.44 8.46
C SER A 26 -0.91 14.65 8.47
N ALA A 27 -1.10 15.35 7.37
CA ALA A 27 -2.09 16.43 7.32
C ALA A 27 -3.45 15.96 6.79
N GLY A 28 -3.60 14.66 6.55
CA GLY A 28 -4.83 14.07 6.07
C GLY A 28 -5.05 14.20 4.58
N THR A 29 -4.01 14.55 3.81
CA THR A 29 -4.09 14.50 2.34
C THR A 29 -4.11 13.05 1.90
N VAL A 30 -5.04 12.69 1.00
CA VAL A 30 -5.20 11.33 0.51
C VAL A 30 -4.65 11.26 -0.91
N TYR A 31 -3.76 10.33 -1.17
CA TYR A 31 -3.20 10.13 -2.50
C TYR A 31 -3.69 8.82 -3.06
N VAL A 32 -4.04 8.78 -4.34
CA VAL A 32 -4.55 7.56 -4.95
C VAL A 32 -3.90 7.29 -6.28
N THR A 33 -3.51 6.03 -6.52
CA THR A 33 -2.97 5.63 -7.81
C THR A 33 -4.14 5.17 -8.67
N ASP A 34 -4.34 5.88 -9.75
CA ASP A 34 -5.50 5.71 -10.64
C ASP A 34 -5.02 4.85 -11.81
N HIS A 35 -5.07 3.53 -11.58
CA HIS A 35 -4.44 2.54 -12.44
C HIS A 35 -4.89 2.66 -13.88
N GLY A 36 -6.19 2.85 -14.08
CA GLY A 36 -6.74 2.84 -15.42
C GLY A 36 -6.49 4.11 -16.19
N ASN A 37 -6.13 5.22 -15.49
CA ASN A 37 -5.80 6.48 -16.17
C ASN A 37 -4.33 6.85 -16.07
N ASN A 38 -3.49 5.95 -15.57
CA ASN A 38 -2.06 6.15 -15.56
C ASN A 38 -1.68 7.46 -14.86
N ARG A 39 -2.27 7.69 -13.69
CA ARG A 39 -2.03 8.96 -13.01
C ARG A 39 -2.11 8.72 -11.52
N VAL A 40 -1.62 9.72 -10.76
CA VAL A 40 -1.75 9.76 -9.30
C VAL A 40 -2.49 11.05 -8.95
N VAL A 41 -3.55 10.93 -8.16
CA VAL A 41 -4.33 12.12 -7.79
C VAL A 41 -4.28 12.29 -6.27
N LYS A 42 -4.56 13.52 -5.81
CA LYS A 42 -4.55 13.79 -4.38
C LYS A 42 -5.68 14.72 -4.01
N LEU A 43 -6.22 14.55 -2.78
CA LEU A 43 -7.24 15.44 -2.24
C LEU A 43 -6.74 15.91 -0.88
N ALA A 44 -6.60 17.22 -0.72
CA ALA A 44 -6.24 17.81 0.56
C ALA A 44 -7.43 17.72 1.50
N ALA A 45 -7.14 17.70 2.80
CA ALA A 45 -8.20 17.42 3.77
C ALA A 45 -9.38 18.36 3.59
N THR A 49 -11.75 19.02 -4.44
CA THR A 49 -11.17 19.27 -5.77
C THR A 49 -9.79 18.62 -5.88
N GLN A 50 -9.70 17.54 -6.64
CA GLN A 50 -8.49 16.75 -6.72
C GLN A 50 -7.44 17.44 -7.58
N THR A 51 -6.17 17.10 -7.30
CA THR A 51 -5.00 17.59 -8.00
C THR A 51 -4.31 16.38 -8.60
N VAL A 52 -3.80 16.49 -9.82
CA VAL A 52 -3.07 15.41 -10.45
C VAL A 52 -1.60 15.69 -10.29
N LEU A 53 -0.87 14.75 -9.70
CA LEU A 53 0.56 14.95 -9.47
C LEU A 53 1.32 14.87 -10.80
N PRO A 54 2.41 15.62 -10.95
CA PRO A 54 3.11 15.68 -12.24
C PRO A 54 4.04 14.52 -12.56
N PHE A 55 3.56 13.29 -12.35
CA PHE A 55 4.27 12.15 -12.91
C PHE A 55 4.05 12.10 -14.41
N THR A 56 5.02 11.51 -15.12
CA THR A 56 4.93 11.35 -16.56
C THR A 56 5.21 9.89 -16.92
N GLY A 57 4.53 9.41 -17.97
CA GLY A 57 4.85 8.10 -18.49
C GLY A 57 4.57 6.96 -17.56
N LEU A 58 3.62 7.11 -16.65
CA LEU A 58 3.24 5.99 -15.79
C LEU A 58 2.48 4.94 -16.59
N ASN A 59 2.65 3.69 -16.20
CA ASN A 59 1.99 2.59 -16.89
C ASN A 59 1.42 1.69 -15.80
N THR A 60 0.10 1.81 -15.64
CA THR A 60 -0.69 1.12 -14.62
C THR A 60 -0.04 1.22 -13.23
N PRO A 61 0.10 2.44 -12.69
CA PRO A 61 0.65 2.62 -11.36
C PRO A 61 -0.13 1.75 -10.36
N SER A 62 0.57 1.07 -9.48
CA SER A 62 -0.05 0.07 -8.62
C SER A 62 -0.04 0.37 -7.12
N GLY A 63 0.75 1.35 -6.66
CA GLY A 63 0.83 1.63 -5.24
C GLY A 63 1.48 2.98 -5.03
N VAL A 64 1.22 3.57 -3.86
CA VAL A 64 1.76 4.87 -3.53
C VAL A 64 2.08 4.91 -2.02
N ALA A 65 3.12 5.67 -1.68
CA ALA A 65 3.45 5.92 -0.28
C ALA A 65 3.95 7.32 -0.15
N VAL A 66 3.76 7.91 1.02
N VAL A 66 3.76 7.91 1.02
CA VAL A 66 4.17 9.29 1.25
CA VAL A 66 4.16 9.29 1.28
C VAL A 66 4.83 9.38 2.63
C VAL A 66 4.85 9.35 2.63
N ASP A 67 5.90 10.16 2.72
CA ASP A 67 6.65 10.20 3.96
C ASP A 67 6.33 11.52 4.66
N SER A 68 6.99 11.76 5.79
CA SER A 68 6.65 12.94 6.60
C SER A 68 6.96 14.23 5.87
N ALA A 69 7.99 14.22 5.03
CA ALA A 69 8.28 15.41 4.25
C ALA A 69 7.29 15.67 3.10
N GLY A 70 6.42 14.71 2.78
CA GLY A 70 5.54 14.89 1.64
C GLY A 70 6.10 14.36 0.32
N THR A 71 7.24 13.72 0.34
CA THR A 71 7.71 13.01 -0.85
C THR A 71 6.77 11.86 -1.15
N VAL A 72 6.47 11.64 -2.42
CA VAL A 72 5.52 10.63 -2.88
C VAL A 72 6.29 9.59 -3.69
N TRP A 73 6.10 8.32 -3.37
CA TRP A 73 6.71 7.22 -4.11
C TRP A 73 5.60 6.39 -4.75
N VAL A 74 5.82 5.94 -5.99
CA VAL A 74 4.81 5.22 -6.75
C VAL A 74 5.44 4.01 -7.41
N THR A 75 4.79 2.84 -7.31
CA THR A 75 5.28 1.69 -8.07
C THR A 75 4.65 1.77 -9.43
N ASP A 76 5.50 1.92 -10.45
CA ASP A 76 5.08 2.06 -11.84
C ASP A 76 5.19 0.67 -12.48
N HIS A 77 4.13 -0.10 -12.22
CA HIS A 77 4.02 -1.51 -12.47
C HIS A 77 4.42 -1.88 -13.88
N GLY A 78 3.82 -1.23 -14.87
CA GLY A 78 4.15 -1.67 -16.21
C GLY A 78 5.50 -1.24 -16.74
N ASN A 79 6.22 -0.36 -16.03
CA ASN A 79 7.57 0.00 -16.44
C ASN A 79 8.62 -0.57 -15.51
N ASN A 80 8.24 -1.51 -14.64
CA ASN A 80 9.20 -2.18 -13.77
C ASN A 80 10.07 -1.20 -12.98
N ARG A 81 9.46 -0.17 -12.39
CA ARG A 81 10.28 0.83 -11.69
C ARG A 81 9.47 1.48 -10.60
N VAL A 82 10.19 2.21 -9.72
CA VAL A 82 9.65 2.99 -8.60
C VAL A 82 10.07 4.43 -8.85
N VAL A 83 9.10 5.35 -8.95
N VAL A 83 9.09 5.33 -8.86
CA VAL A 83 9.41 6.74 -9.20
CA VAL A 83 9.31 6.72 -9.16
C VAL A 83 9.00 7.55 -7.98
C VAL A 83 9.00 7.55 -7.92
N LYS A 84 9.68 8.70 -7.79
CA LYS A 84 9.49 9.54 -6.61
C LYS A 84 9.38 10.99 -7.03
N LEU A 85 8.51 11.73 -6.35
CA LEU A 85 8.41 13.18 -6.49
C LEU A 85 8.67 13.78 -5.13
N ALA A 86 9.74 14.58 -5.03
CA ALA A 86 9.93 15.36 -3.79
C ALA A 86 8.87 16.46 -3.68
N ALA A 87 8.56 16.84 -2.44
CA ALA A 87 7.51 17.83 -2.20
C ALA A 87 7.71 19.05 -3.09
N GLY A 88 6.73 19.29 -3.97
CA GLY A 88 6.74 20.44 -4.83
C GLY A 88 7.57 20.30 -6.09
N SER A 89 8.33 19.22 -6.21
CA SER A 89 9.26 19.10 -7.32
C SER A 89 8.51 18.84 -8.63
N ASN A 90 9.10 19.28 -9.71
CA ASN A 90 8.45 19.13 -11.00
C ASN A 90 8.98 17.95 -11.79
N THR A 91 10.10 17.36 -11.37
CA THR A 91 10.79 16.29 -12.06
C THR A 91 10.70 15.02 -11.22
N GLN A 92 10.32 13.92 -11.82
CA GLN A 92 10.28 12.67 -11.06
C GLN A 92 11.62 11.97 -11.18
N THR A 93 11.95 11.19 -10.15
CA THR A 93 13.21 10.46 -10.14
C THR A 93 12.93 8.97 -10.14
N VAL A 94 13.64 8.21 -10.98
CA VAL A 94 13.53 6.74 -10.90
C VAL A 94 14.57 6.23 -9.89
N LEU A 95 14.11 5.47 -8.89
CA LEU A 95 14.99 4.96 -7.81
C LEU A 95 15.90 3.86 -8.34
N PRO A 96 17.08 3.67 -7.74
CA PRO A 96 18.03 2.70 -8.32
C PRO A 96 17.72 1.27 -7.94
N PHE A 97 16.44 0.90 -7.85
CA PHE A 97 16.13 -0.54 -7.78
C PHE A 97 16.58 -1.22 -9.07
N THR A 98 16.87 -2.51 -9.00
CA THR A 98 17.29 -3.23 -10.18
C THR A 98 16.49 -4.53 -10.22
N GLY A 99 16.16 -4.95 -11.42
CA GLY A 99 15.59 -6.30 -11.52
C GLY A 99 14.14 -6.39 -11.12
N LEU A 100 13.45 -5.25 -10.94
CA LEU A 100 12.05 -5.38 -10.54
C LEU A 100 11.22 -5.87 -11.72
N ASN A 101 10.18 -6.61 -11.39
CA ASN A 101 9.26 -7.12 -12.42
C ASN A 101 7.84 -6.91 -11.88
N LYS A 102 7.06 -6.03 -12.53
CA LYS A 102 5.67 -5.79 -12.20
C LYS A 102 5.49 -5.43 -10.73
N PRO A 103 6.20 -4.40 -10.24
CA PRO A 103 6.15 -4.09 -8.80
C PRO A 103 4.75 -3.70 -8.40
N SER A 104 4.30 -4.21 -7.24
CA SER A 104 2.87 -4.16 -6.98
C SER A 104 2.50 -3.23 -5.85
N GLY A 105 3.46 -2.92 -4.99
CA GLY A 105 3.18 -2.04 -3.87
C GLY A 105 4.45 -1.49 -3.27
N VAL A 106 4.27 -0.48 -2.41
CA VAL A 106 5.37 0.30 -1.85
C VAL A 106 4.95 0.84 -0.48
N ALA A 107 5.90 0.88 0.43
CA ALA A 107 5.71 1.49 1.72
C ALA A 107 7.01 2.17 2.11
N VAL A 108 6.88 3.23 2.92
N VAL A 108 6.89 3.19 2.95
CA VAL A 108 8.03 3.97 3.41
CA VAL A 108 8.05 3.96 3.39
C VAL A 108 7.89 4.08 4.92
C VAL A 108 7.92 4.18 4.88
N ASP A 109 8.99 3.93 5.61
CA ASP A 109 8.95 4.03 7.06
C ASP A 109 9.48 5.38 7.48
N SER A 110 9.46 5.62 8.80
CA SER A 110 9.82 6.94 9.30
C SER A 110 11.22 7.32 8.88
N ALA A 111 12.12 6.34 8.74
CA ALA A 111 13.50 6.63 8.37
C ALA A 111 13.69 6.94 6.88
N GLY A 112 12.64 6.87 6.05
CA GLY A 112 12.79 7.06 4.61
C GLY A 112 13.14 5.79 3.84
N THR A 113 13.20 4.65 4.53
CA THR A 113 13.45 3.39 3.87
C THR A 113 12.23 3.01 3.06
N VAL A 114 12.48 2.57 1.84
CA VAL A 114 11.43 2.25 0.86
C VAL A 114 11.40 0.73 0.69
N TYR A 115 10.21 0.13 0.81
CA TYR A 115 10.06 -1.32 0.67
C TYR A 115 9.16 -1.54 -0.52
N VAL A 116 9.45 -2.51 -1.39
CA VAL A 116 8.61 -2.69 -2.56
C VAL A 116 8.29 -4.18 -2.72
N THR A 117 7.01 -4.52 -2.98
CA THR A 117 6.66 -5.90 -3.32
C THR A 117 6.93 -6.08 -4.81
N ASP A 118 7.88 -6.96 -5.10
CA ASP A 118 8.37 -7.25 -6.45
C ASP A 118 7.59 -8.45 -6.93
N HIS A 119 6.35 -8.16 -7.33
CA HIS A 119 5.35 -9.16 -7.56
C HIS A 119 5.80 -10.25 -8.54
N GLY A 120 6.35 -9.89 -9.69
CA GLY A 120 6.79 -10.88 -10.70
C GLY A 120 7.94 -11.78 -10.26
N ASN A 121 8.70 -11.36 -9.24
CA ASN A 121 9.84 -12.13 -8.73
C ASN A 121 9.58 -12.74 -7.36
N ASN A 122 8.35 -12.64 -6.88
CA ASN A 122 7.95 -13.31 -5.65
C ASN A 122 8.87 -12.92 -4.50
N ARG A 123 9.16 -11.64 -4.38
CA ARG A 123 10.13 -11.21 -3.37
C ARG A 123 9.77 -9.80 -2.93
N VAL A 124 10.38 -9.39 -1.82
CA VAL A 124 10.22 -8.04 -1.29
C VAL A 124 11.61 -7.41 -1.19
N VAL A 125 11.76 -6.18 -1.71
CA VAL A 125 13.05 -5.53 -1.78
C VAL A 125 12.96 -4.20 -1.06
N LYS A 126 14.10 -3.71 -0.58
CA LYS A 126 14.11 -2.48 0.18
C LYS A 126 15.33 -1.64 -0.21
N LEU A 127 15.18 -0.33 -0.02
CA LEU A 127 16.20 0.67 -0.32
C LEU A 127 16.24 1.56 0.90
N ALA A 128 17.29 1.44 1.69
CA ALA A 128 17.49 2.31 2.84
C ALA A 128 17.63 3.79 2.44
N ALA A 129 17.16 4.67 3.33
CA ALA A 129 17.32 6.08 3.05
C ALA A 129 18.80 6.42 2.96
N GLY A 130 19.14 7.23 1.96
CA GLY A 130 20.51 7.56 1.67
C GLY A 130 21.32 6.46 1.01
N SER A 131 20.72 5.31 0.71
CA SER A 131 21.45 4.18 0.06
C SER A 131 21.14 4.07 -1.44
N ASN A 132 22.08 3.56 -2.22
N ASN A 132 22.07 3.51 -2.20
CA ASN A 132 21.77 3.37 -3.66
CA ASN A 132 21.90 3.36 -3.67
C ASN A 132 21.69 1.88 -4.02
C ASN A 132 21.71 1.90 -4.02
N THR A 133 21.86 1.01 -3.04
CA THR A 133 21.87 -0.44 -3.34
C THR A 133 20.76 -1.17 -2.57
N GLN A 134 19.87 -1.81 -3.30
CA GLN A 134 18.77 -2.47 -2.62
C GLN A 134 19.22 -3.76 -1.91
N THR A 135 18.39 -4.20 -0.95
CA THR A 135 18.54 -5.52 -0.35
C THR A 135 17.24 -6.29 -0.54
N VAL A 136 17.31 -7.61 -0.45
CA VAL A 136 16.13 -8.44 -0.62
C VAL A 136 15.76 -9.01 0.73
N LEU A 137 14.55 -8.92 1.07
CA LEU A 137 14.15 -9.36 2.42
C LEU A 137 13.97 -10.88 2.44
N PRO A 138 14.28 -11.52 3.55
CA PRO A 138 14.26 -12.98 3.63
C PRO A 138 12.87 -13.56 3.92
N PHE A 139 11.84 -13.05 3.21
CA PHE A 139 10.59 -13.81 3.12
C PHE A 139 10.84 -15.12 2.39
N THR A 140 10.01 -16.12 2.67
CA THR A 140 10.07 -17.32 1.87
C THR A 140 8.67 -17.75 1.45
N GLY A 141 8.62 -18.41 0.30
CA GLY A 141 7.34 -18.97 -0.14
C GLY A 141 6.31 -17.99 -0.62
N LEU A 142 6.70 -16.75 -0.98
CA LEU A 142 5.71 -15.81 -1.44
C LEU A 142 5.28 -16.18 -2.84
N ASN A 143 4.05 -15.79 -3.17
CA ASN A 143 3.56 -15.96 -4.53
C ASN A 143 2.79 -14.69 -4.81
N THR A 144 3.22 -13.96 -5.85
CA THR A 144 2.60 -12.72 -6.32
C THR A 144 2.23 -11.79 -5.17
N PRO A 145 3.21 -11.39 -4.37
CA PRO A 145 2.89 -10.51 -3.23
C PRO A 145 2.35 -9.19 -3.74
N SER A 146 1.31 -8.71 -3.06
CA SER A 146 0.49 -7.64 -3.65
C SER A 146 0.55 -6.34 -2.87
N GLY A 147 1.03 -6.35 -1.63
CA GLY A 147 1.00 -5.12 -0.85
C GLY A 147 1.97 -5.32 0.29
N VAL A 148 2.38 -4.21 0.89
CA VAL A 148 3.36 -4.22 1.97
C VAL A 148 3.03 -3.09 2.91
N ALA A 149 3.29 -3.30 4.19
CA ALA A 149 3.15 -2.23 5.19
C ALA A 149 4.29 -2.36 6.16
N VAL A 150 4.66 -1.27 6.84
N VAL A 150 4.63 -1.26 6.84
CA VAL A 150 5.79 -1.31 7.78
CA VAL A 150 5.74 -1.30 7.78
C VAL A 150 5.41 -0.47 8.97
C VAL A 150 5.35 -0.49 8.99
N ASP A 151 5.87 -0.96 10.08
CA ASP A 151 5.50 -0.19 11.30
C ASP A 151 6.72 0.51 11.92
N SER A 152 6.52 1.16 13.06
CA SER A 152 7.63 1.88 13.75
C SER A 152 8.74 0.89 14.06
N ALA A 153 8.35 -0.28 14.52
CA ALA A 153 9.36 -1.28 14.92
C ALA A 153 10.16 -1.77 13.71
N GLY A 154 9.72 -1.43 12.49
CA GLY A 154 10.41 -1.98 11.36
C GLY A 154 9.95 -3.37 10.98
N THR A 155 8.89 -3.87 11.59
CA THR A 155 8.24 -5.10 11.14
C THR A 155 7.55 -4.88 9.79
N VAL A 156 7.73 -5.83 8.88
CA VAL A 156 7.21 -5.69 7.53
C VAL A 156 6.11 -6.70 7.36
N TRP A 157 4.92 -6.23 6.94
CA TRP A 157 3.76 -7.10 6.65
C TRP A 157 3.54 -7.14 5.15
N VAL A 158 3.19 -8.32 4.63
CA VAL A 158 3.04 -8.50 3.18
C VAL A 158 1.79 -9.31 2.94
N THR A 159 0.97 -8.89 1.99
CA THR A 159 -0.16 -9.70 1.52
C THR A 159 0.38 -10.64 0.46
N ASP A 160 0.37 -11.93 0.76
CA ASP A 160 0.88 -13.01 -0.09
C ASP A 160 -0.30 -13.51 -0.93
N HIS A 161 -0.61 -12.70 -1.93
CA HIS A 161 -1.82 -12.78 -2.74
C HIS A 161 -2.04 -14.15 -3.32
N GLY A 162 -1.00 -14.75 -3.91
CA GLY A 162 -1.16 -16.07 -4.52
C GLY A 162 -1.33 -17.22 -3.57
N ASN A 163 -1.02 -17.04 -2.28
CA ASN A 163 -1.25 -18.10 -1.28
C ASN A 163 -2.36 -17.76 -0.31
N ASN A 164 -3.11 -16.67 -0.54
CA ASN A 164 -4.25 -16.27 0.28
C ASN A 164 -3.85 -16.15 1.76
N ARG A 165 -2.77 -15.41 1.99
CA ARG A 165 -2.36 -15.26 3.38
C ARG A 165 -1.60 -13.97 3.52
N VAL A 166 -1.39 -13.58 4.79
CA VAL A 166 -0.64 -12.41 5.18
C VAL A 166 0.47 -12.86 6.09
N VAL A 167 1.69 -12.36 5.82
CA VAL A 167 2.88 -12.78 6.54
C VAL A 167 3.60 -11.56 7.06
N LYS A 168 4.32 -11.72 8.16
CA LYS A 168 5.11 -10.61 8.64
C LYS A 168 6.51 -11.11 9.00
N LEU A 169 7.44 -10.15 8.99
CA LEU A 169 8.86 -10.38 9.22
C LEU A 169 9.31 -9.32 10.22
N ALA A 170 9.77 -9.75 11.41
CA ALA A 170 10.34 -8.79 12.35
C ALA A 170 11.68 -8.27 11.86
N ALA A 171 12.06 -7.09 12.36
CA ALA A 171 13.29 -6.43 11.93
C ALA A 171 14.52 -7.29 12.25
N GLY A 172 15.41 -7.45 11.25
CA GLY A 172 16.64 -8.23 11.37
C GLY A 172 16.39 -9.63 11.92
N SER A 173 15.59 -10.39 11.18
CA SER A 173 15.09 -11.68 11.64
C SER A 173 15.04 -12.64 10.48
N ASN A 174 15.14 -13.93 10.80
CA ASN A 174 14.94 -15.02 9.86
C ASN A 174 13.66 -15.76 10.11
N THR A 175 12.62 -15.05 10.56
CA THR A 175 11.39 -15.67 11.04
C THR A 175 10.18 -14.97 10.45
N GLN A 176 9.51 -15.67 9.61
CA GLN A 176 8.33 -15.19 8.96
C GLN A 176 7.14 -15.75 9.73
N THR A 177 6.18 -14.93 10.05
CA THR A 177 5.00 -15.37 10.79
C THR A 177 3.78 -15.28 9.89
N VAL A 178 2.97 -16.33 9.85
CA VAL A 178 1.69 -16.28 9.13
C VAL A 178 0.61 -15.75 10.09
N LEU A 179 0.01 -14.60 9.77
CA LEU A 179 -1.06 -14.02 10.61
C LEU A 179 -2.34 -14.85 10.55
N PRO A 180 -3.08 -14.96 11.66
CA PRO A 180 -4.28 -15.83 11.73
C PRO A 180 -5.52 -15.18 11.13
N PHE A 181 -5.41 -14.77 9.87
CA PHE A 181 -6.61 -14.42 9.11
C PHE A 181 -7.33 -15.70 8.66
N THR A 182 -8.56 -15.53 8.18
CA THR A 182 -9.37 -16.70 7.82
C THR A 182 -10.04 -16.42 6.49
N GLY A 183 -9.98 -17.40 5.58
CA GLY A 183 -10.84 -17.34 4.41
C GLY A 183 -10.49 -16.24 3.42
N LEU A 184 -9.24 -15.81 3.38
CA LEU A 184 -8.86 -14.77 2.42
C LEU A 184 -8.92 -15.32 1.00
N ASN A 185 -9.17 -14.41 0.05
CA ASN A 185 -9.25 -14.75 -1.37
C ASN A 185 -8.54 -13.62 -2.09
N LYS A 186 -7.30 -13.82 -2.46
CA LYS A 186 -6.50 -12.85 -3.19
C LYS A 186 -6.33 -11.55 -2.40
N PRO A 187 -5.84 -11.58 -1.17
CA PRO A 187 -5.74 -10.33 -0.39
C PRO A 187 -4.87 -9.36 -1.18
N SER A 188 -5.27 -8.10 -1.23
CA SER A 188 -4.66 -7.18 -2.16
C SER A 188 -3.89 -6.01 -1.56
N GLY A 189 -4.04 -5.72 -0.29
CA GLY A 189 -3.39 -4.61 0.36
C GLY A 189 -3.44 -4.82 1.85
N VAL A 190 -2.51 -4.16 2.55
CA VAL A 190 -2.34 -4.26 3.99
C VAL A 190 -1.91 -2.91 4.55
N ALA A 191 -2.40 -2.59 5.75
CA ALA A 191 -2.06 -1.39 6.49
C ALA A 191 -1.96 -1.76 7.94
N VAL A 192 -1.12 -1.05 8.69
N VAL A 192 -1.15 -1.02 8.69
CA VAL A 192 -0.95 -1.28 10.12
CA VAL A 192 -0.91 -1.28 10.12
C VAL A 192 -1.03 0.08 10.81
C VAL A 192 -0.91 0.05 10.88
N ASP A 193 -1.68 0.12 11.97
CA ASP A 193 -1.77 1.37 12.73
C ASP A 193 -0.78 1.33 13.90
N SER A 194 -0.74 2.44 14.65
CA SER A 194 0.25 2.52 15.71
C SER A 194 0.01 1.48 16.79
N ALA A 195 -1.23 1.06 17.00
CA ALA A 195 -1.47 0.03 18.00
C ALA A 195 -1.05 -1.38 17.55
N GLY A 196 -0.71 -1.57 16.27
CA GLY A 196 -0.37 -2.90 15.81
C GLY A 196 -1.55 -3.62 15.16
N THR A 197 -2.69 -2.96 15.03
CA THR A 197 -3.80 -3.54 14.30
C THR A 197 -3.48 -3.64 12.82
N VAL A 198 -3.84 -4.76 12.20
CA VAL A 198 -3.51 -5.02 10.81
C VAL A 198 -4.81 -5.09 10.04
N TYR A 199 -4.88 -4.32 8.98
CA TYR A 199 -6.07 -4.26 8.10
C TYR A 199 -5.70 -4.82 6.74
N VAL A 200 -6.56 -5.68 6.20
CA VAL A 200 -6.29 -6.27 4.90
C VAL A 200 -7.50 -6.15 3.99
N THR A 201 -7.31 -5.78 2.71
CA THR A 201 -8.40 -5.82 1.73
C THR A 201 -8.45 -7.22 1.14
N ASP A 202 -9.60 -7.86 1.27
CA ASP A 202 -9.85 -9.23 0.86
C ASP A 202 -10.54 -9.22 -0.50
N HIS A 203 -9.73 -9.04 -1.54
CA HIS A 203 -10.20 -8.62 -2.88
C HIS A 203 -11.34 -9.52 -3.36
N GLY A 204 -11.15 -10.83 -3.26
CA GLY A 204 -12.11 -11.77 -3.81
C GLY A 204 -13.35 -11.95 -2.98
N ASN A 205 -13.35 -11.46 -1.74
CA ASN A 205 -14.51 -11.53 -0.88
C ASN A 205 -15.18 -10.17 -0.72
N ASN A 206 -14.76 -9.16 -1.47
CA ASN A 206 -15.36 -7.82 -1.40
C ASN A 206 -15.53 -7.32 0.04
N ARG A 207 -14.46 -7.43 0.81
CA ARG A 207 -14.57 -7.02 2.21
C ARG A 207 -13.21 -6.58 2.68
N VAL A 208 -13.21 -5.90 3.82
CA VAL A 208 -11.95 -5.52 4.48
C VAL A 208 -11.97 -6.17 5.85
N VAL A 209 -10.90 -6.88 6.20
CA VAL A 209 -10.85 -7.54 7.49
C VAL A 209 -9.73 -6.93 8.30
N LYS A 210 -9.74 -7.23 9.60
CA LYS A 210 -8.84 -6.55 10.52
C LYS A 210 -8.45 -7.53 11.62
N LEU A 211 -7.19 -7.56 11.99
CA LEU A 211 -6.80 -8.34 13.15
C LEU A 211 -6.40 -7.31 14.20
N ALA A 212 -7.31 -7.07 15.14
CA ALA A 212 -7.03 -6.11 16.20
C ALA A 212 -5.78 -6.56 16.93
N ALA A 213 -4.97 -5.60 17.37
CA ALA A 213 -3.77 -5.96 18.14
C ALA A 213 -4.16 -6.88 19.30
N GLY A 214 -3.41 -8.00 19.48
CA GLY A 214 -3.72 -8.93 20.56
C GLY A 214 -4.76 -9.99 20.25
N SER A 215 -5.42 -9.93 19.08
CA SER A 215 -6.59 -10.77 18.83
C SER A 215 -6.20 -12.02 18.06
N ASN A 216 -6.91 -13.10 18.32
CA ASN A 216 -6.61 -14.34 17.63
C ASN A 216 -7.50 -14.58 16.42
N THR A 217 -8.49 -13.73 16.17
CA THR A 217 -9.43 -13.96 15.06
C THR A 217 -9.77 -12.62 14.42
N GLN A 218 -10.09 -12.66 13.14
CA GLN A 218 -10.30 -11.38 12.43
C GLN A 218 -11.71 -10.82 12.60
N THR A 219 -11.84 -9.53 12.33
CA THR A 219 -13.13 -8.84 12.34
C THR A 219 -13.36 -8.25 10.95
N VAL A 220 -14.59 -8.27 10.48
CA VAL A 220 -14.93 -7.65 9.18
C VAL A 220 -15.37 -6.21 9.43
N LEU A 221 -14.70 -5.26 8.80
CA LEU A 221 -15.10 -3.86 8.96
C LEU A 221 -16.45 -3.62 8.28
N PRO A 222 -17.23 -2.69 8.81
CA PRO A 222 -18.57 -2.38 8.29
C PRO A 222 -18.61 -1.45 7.06
N PHE A 223 -17.83 -1.78 6.05
CA PHE A 223 -18.01 -1.16 4.74
C PHE A 223 -19.19 -1.81 4.05
N THR A 224 -19.84 -1.10 3.16
CA THR A 224 -20.94 -1.72 2.42
C THR A 224 -20.75 -1.49 0.93
N GLY A 225 -21.09 -2.48 0.12
CA GLY A 225 -21.10 -2.21 -1.31
C GLY A 225 -19.75 -2.31 -1.99
N LEU A 226 -18.72 -2.79 -1.30
CA LEU A 226 -17.41 -2.86 -1.94
C LEU A 226 -17.46 -3.89 -3.07
N ASN A 227 -16.58 -3.68 -4.05
CA ASN A 227 -16.37 -4.63 -5.13
C ASN A 227 -14.87 -4.70 -5.37
N THR A 228 -14.26 -5.87 -5.13
CA THR A 228 -12.84 -6.08 -5.37
C THR A 228 -11.94 -4.95 -4.84
N PRO A 229 -12.02 -4.67 -3.54
CA PRO A 229 -11.17 -3.63 -2.95
C PRO A 229 -9.71 -3.97 -3.18
N SER A 230 -8.94 -2.94 -3.54
CA SER A 230 -7.57 -3.14 -4.01
C SER A 230 -6.49 -2.60 -3.09
N GLY A 231 -6.82 -1.74 -2.11
CA GLY A 231 -5.78 -1.16 -1.24
C GLY A 231 -6.41 -0.45 -0.07
N VAL A 232 -5.60 -0.19 0.96
CA VAL A 232 -6.09 0.31 2.24
C VAL A 232 -4.99 1.15 2.86
N ALA A 233 -5.41 2.24 3.47
CA ALA A 233 -4.49 3.01 4.29
C ALA A 233 -5.21 3.40 5.56
N VAL A 234 -4.44 3.59 6.63
N VAL A 234 -4.43 3.58 6.63
CA VAL A 234 -5.01 3.97 7.93
CA VAL A 234 -4.97 4.01 7.91
C VAL A 234 -4.15 5.09 8.51
C VAL A 234 -4.16 5.21 8.36
N ASP A 235 -4.79 6.08 9.11
CA ASP A 235 -4.10 7.26 9.61
C ASP A 235 -3.90 7.19 11.12
N SER A 236 -3.46 8.32 11.68
CA SER A 236 -3.19 8.38 13.12
C SER A 236 -4.46 8.13 13.93
N ALA A 237 -5.58 8.70 13.47
CA ALA A 237 -6.84 8.62 14.21
C ALA A 237 -7.59 7.33 13.97
N GLY A 238 -7.01 6.37 13.23
CA GLY A 238 -7.65 5.10 12.97
C GLY A 238 -8.69 5.14 11.87
N THR A 239 -8.79 6.27 11.17
CA THR A 239 -9.63 6.33 9.97
C THR A 239 -9.04 5.39 8.93
N VAL A 240 -9.90 4.63 8.27
CA VAL A 240 -9.49 3.64 7.30
C VAL A 240 -9.98 4.12 5.94
N TRP A 241 -9.08 4.16 4.96
CA TRP A 241 -9.38 4.51 3.57
C TRP A 241 -9.16 3.28 2.68
N VAL A 242 -10.08 3.00 1.78
CA VAL A 242 -10.01 1.82 0.94
C VAL A 242 -10.28 2.16 -0.53
N THR A 243 -9.45 1.64 -1.46
CA THR A 243 -9.71 1.88 -2.88
C THR A 243 -10.68 0.81 -3.33
N ASP A 244 -11.91 1.22 -3.62
CA ASP A 244 -13.01 0.33 -3.99
C ASP A 244 -12.95 0.14 -5.50
N HIS A 245 -12.02 -0.70 -5.89
CA HIS A 245 -11.57 -0.78 -7.27
C HIS A 245 -12.73 -1.04 -8.23
N GLY A 246 -13.60 -1.98 -7.90
CA GLY A 246 -14.69 -2.32 -8.80
C GLY A 246 -15.72 -1.24 -8.99
N ASN A 247 -15.77 -0.27 -8.09
CA ASN A 247 -16.75 0.81 -8.21
C ASN A 247 -16.11 2.14 -8.50
N ASN A 248 -14.83 2.14 -8.82
CA ASN A 248 -14.10 3.34 -9.26
C ASN A 248 -14.20 4.47 -8.24
N ARG A 249 -13.99 4.12 -6.98
CA ARG A 249 -14.25 5.10 -5.95
C ARG A 249 -13.35 4.75 -4.78
N VAL A 250 -13.20 5.71 -3.88
CA VAL A 250 -12.43 5.58 -2.65
C VAL A 250 -13.36 5.88 -1.49
N VAL A 251 -13.36 5.00 -0.47
CA VAL A 251 -14.31 5.11 0.64
C VAL A 251 -13.54 5.25 1.93
N LYS A 252 -14.16 5.86 2.91
CA LYS A 252 -13.45 5.96 4.17
C LYS A 252 -14.43 5.67 5.27
N LEU A 253 -13.88 5.13 6.34
CA LEU A 253 -14.62 4.76 7.53
C LEU A 253 -13.86 5.27 8.74
N ALA A 254 -14.48 6.20 9.49
CA ALA A 254 -13.90 6.67 10.75
C ALA A 254 -14.04 5.61 11.86
O1 SIW B . -5.07 -5.18 -13.68
O1 SIW B . -4.60 -11.54 -14.50
O10 SIW B . -2.18 -5.17 -14.32
O10 SIW B . -7.40 -12.40 -13.99
O11 SIW B . -6.66 -3.35 -12.40
O11 SIW B . -1.96 -12.45 -14.69
O12 SIW B . -3.22 -5.69 -9.42
O12 SIW B . -4.21 -12.32 -10.03
O13 SIW B . -9.42 -6.08 -15.75
O13 SIW B . -2.40 -8.56 -17.97
O14 SIW B . -5.10 -7.71 -17.91
O14 SIW B . -7.73 -8.39 -17.18
O15 SIW B . -7.62 -5.11 -14.24
O15 SIW B . -2.85 -10.24 -16.03
O16 SIW B . -3.85 -9.30 -15.94
O16 SIW B . -7.70 -7.84 -14.39
O17 SIW B . -7.96 -5.73 -11.33
O17 SIW B . -1.25 -9.99 -13.71
O18 SIW B . -3.08 -8.42 -10.30
O18 SIW B . -5.33 -9.70 -9.94
O1E SIW B . -6.87 -12.35 -12.00
O1E SIW B . -3.79 -4.80 -11.71
O2 SIW B . -6.75 -6.78 -15.80
O2 SIW B . -4.85 -8.80 -16.70
O20 SIW B . -5.28 -7.50 -9.29
O20 SIW B . -2.66 -9.89 -10.55
O21 SIW B . -4.70 -8.19 -14.04
O21 SIW B . -5.80 -8.80 -13.85
O22 SIW B . -6.89 -7.30 -13.00
O22 SIW B . -3.21 -8.80 -14.17
O23 SIW B . -9.33 -6.94 -13.20
O23 SIW B . -1.52 -7.90 -15.58
O2E SIW B . -4.69 -10.26 -9.42
O2E SIW B . -3.42 -7.59 -9.47
O3 SIW B . -4.02 -6.40 -15.76
O3 SIW B . -6.67 -10.33 -15.60
O3E SIW B . -4.15 -11.88 -11.71
O3E SIW B . -5.69 -5.93 -10.20
O4 SIW B . -5.09 -8.50 -11.56
O4 SIW B . -4.33 -8.81 -11.84
O5 SIW B . -10.07 -6.99 -10.52
O5 SIW B . 0.77 -8.40 -14.04
O6 SIW B . -1.59 -10.40 -14.95
O6 SIW B . -9.08 -7.76 -12.03
O7 SIW B . -2.25 -7.74 -14.22
O7 SIW B . -7.71 -10.09 -12.93
O7E SIW B . -4.29 -11.24 -14.47
O7E SIW B . -7.25 -6.02 -12.58
O8 SIW B . -2.96 -6.55 -12.10
O8 SIW B . -5.95 -11.32 -11.96
O8E SIW B . -6.60 -11.96 -14.71
O8E SIW B . -5.59 -4.91 -13.91
O9 SIW B . -5.51 -5.59 -11.09
O9 SIW B . -3.11 -11.43 -12.40
O9E SIW B . -8.81 -10.82 -13.46
O9E SIW B . -2.91 -5.05 -14.34
W1 SIW B . -3.99 -6.68 -10.53
W1 SIW B . -4.36 -10.99 -10.95
W1E SIW B . -7.80 -10.52 -15.08
W1E SIW B . -4.48 -5.45 -15.44
W2 SIW B . -3.43 -6.34 -13.91
W2 SIW B . -6.35 -11.00 -13.80
W2E SIW B . -5.41 -12.05 -13.26
W2E SIW B . -5.68 -5.23 -12.00
W3 SIW B . -6.56 -5.03 -12.51
W3 SIW B . -2.81 -11.13 -14.18
W3E SIW B . -8.12 -10.94 -11.78
W3E SIW B . -2.22 -5.27 -12.65
W4 SIW B . -5.26 -8.02 -16.26
W4 SIW B . -6.62 -8.28 -15.95
W4E SIW B . -3.31 -10.14 -10.83
W4E SIW B . -5.30 -7.96 -9.86
W5 SIW B . -8.28 -6.83 -14.71
W5 SIW B . -3.05 -8.44 -16.41
W5E SIW B . -6.17 -9.13 -9.27
W5E SIW B . -1.94 -8.10 -10.41
W6 SIW B . -8.70 -7.34 -11.29
W6 SIW B . -0.80 -8.26 -13.72
W7 SIW B . -3.03 -9.62 -14.42
W7 SIW B . -7.50 -8.08 -12.60
O10E SIW B . -4.63 -13.63 -13.55
O10E SIW B . -6.46 -3.73 -11.52
O11E SIW B . -9.23 -11.88 -10.97
O11E SIW B . -1.34 -3.89 -12.41
O12E SIW B . -8.86 -11.13 -16.21
O12E SIW B . -4.56 -4.14 -16.41
O13E SIW B . -6.75 -9.29 -7.68
O13E SIW B . -0.72 -8.18 -9.23
O14E SIW B . -2.02 -11.04 -10.19
O14E SIW B . -5.92 -7.67 -8.32
O15E SIW B . -7.17 -10.62 -9.92
O15E SIW B . -1.75 -6.23 -10.83
O16E SIW B . -2.63 -9.55 -12.58
O16E SIW B . -6.84 -8.48 -10.96
O17E SIW B . -9.03 -9.13 -11.59
O17E SIW B . -0.95 -6.50 -13.54
O18E SIW B . -6.31 -9.56 -16.05
O18E SIW B . -6.11 -6.54 -15.80
O19E SIW B . -6.46 -9.81 -13.25
O19E SIW B . -4.36 -6.75 -13.48
O20E SIW B . -8.71 -8.70 -14.81
O20E SIW B . -3.21 -6.62 -16.37
O23E SIW B . -7.43 -7.84 -9.77
O23E SIW B . -0.83 -8.59 -11.74
SI1 SIW B . -5.74 -8.58 -12.84
SI1 SIW B . -4.41 -8.17 -13.17
#